data_4L16
#
_entry.id   4L16
#
_cell.length_a   113.539
_cell.length_b   113.539
_cell.length_c   58.101
_cell.angle_alpha   90.00
_cell.angle_beta   90.00
_cell.angle_gamma   120.00
#
_symmetry.space_group_name_H-M   'P 65'
#
loop_
_entity.id
_entity.type
_entity.pdbx_description
1 polymer 'Fidgetin-like protein 1'
2 non-polymer "ADENOSINE-5'-DIPHOSPHATE"
3 water water
#
_entity_poly.entity_id   1
_entity_poly.type   'polypeptide(L)'
_entity_poly.pdbx_seq_one_letter_code
;SNPLIRKAMGMDTEGGGKDEKMSGLRAEPTLKHFDENIISLIESEIMSVNNEIGWADVAGLEGAKKALREIVVLPFKRPD
VFTGIRAPPKGVLLFGPPGTGKTMIGRCVASQCKATFFNISASSLTSKWVGEGEKLVRALFSVARLKLPSVIFIDEIDSL
LSSRSESEHESSRRIKTEFLVQLDGVNTAPDERLLVLGATNRPQELDEAARRRFQKRLYIALPEPESRTQIVQNLLVGTR
HDITNHNLERIRELTDGYSGADMRQLCTEAAMGPIRDIGDDIETIDKDDIRAVTVMDFAEAARVVRPTVDDSQLDAYAAW
DKKFGCLPPPSISR
;
_entity_poly.pdbx_strand_id   A
#
loop_
_chem_comp.id
_chem_comp.type
_chem_comp.name
_chem_comp.formula
ADP non-polymer ADENOSINE-5'-DIPHOSPHATE 'C10 H15 N5 O10 P2'
#
# COMPACT_ATOMS: atom_id res chain seq x y z
N PRO A 29 -26.73 2.20 -5.95
CA PRO A 29 -27.38 0.99 -6.46
C PRO A 29 -28.32 1.23 -7.64
N THR A 30 -27.92 0.83 -8.84
CA THR A 30 -28.71 1.06 -10.06
C THR A 30 -28.10 0.39 -11.30
N LEU A 31 -28.91 0.15 -12.33
CA LEU A 31 -28.41 -0.34 -13.61
C LEU A 31 -27.76 -1.75 -13.57
N LYS A 32 -27.79 -2.40 -12.41
CA LYS A 32 -27.13 -3.69 -12.25
C LYS A 32 -27.81 -4.50 -11.15
N HIS A 33 -27.69 -5.84 -11.18
CA HIS A 33 -28.28 -6.62 -10.09
C HIS A 33 -27.68 -7.98 -9.70
N PHE A 34 -26.89 -7.94 -8.62
CA PHE A 34 -26.37 -9.13 -7.97
C PHE A 34 -27.11 -9.20 -6.64
N ASP A 35 -26.71 -10.11 -5.76
CA ASP A 35 -27.25 -10.11 -4.40
C ASP A 35 -27.06 -8.70 -3.89
N GLU A 36 -28.11 -8.10 -3.35
CA GLU A 36 -28.00 -6.70 -2.95
C GLU A 36 -27.09 -6.49 -1.75
N ASN A 37 -26.59 -7.59 -1.20
CA ASN A 37 -25.64 -7.53 -0.08
C ASN A 37 -24.21 -7.39 -0.56
N ILE A 38 -23.92 -8.01 -1.70
CA ILE A 38 -22.64 -7.83 -2.36
C ILE A 38 -22.42 -6.34 -2.62
N ILE A 39 -23.39 -5.71 -3.29
CA ILE A 39 -23.26 -4.31 -3.65
C ILE A 39 -22.93 -3.44 -2.44
N SER A 40 -23.60 -3.70 -1.32
CA SER A 40 -23.39 -2.93 -0.10
C SER A 40 -21.97 -3.13 0.41
N LEU A 41 -21.51 -4.38 0.35
CA LEU A 41 -20.18 -4.71 0.80
C LEU A 41 -19.19 -3.82 0.08
N ILE A 42 -19.48 -3.53 -1.18
CA ILE A 42 -18.60 -2.68 -1.98
C ILE A 42 -18.70 -1.21 -1.58
N GLU A 43 -19.91 -0.66 -1.61
CA GLU A 43 -20.10 0.73 -1.20
C GLU A 43 -19.49 0.91 0.17
N SER A 44 -19.70 -0.08 1.04
CA SER A 44 -19.32 0.07 2.44
C SER A 44 -17.82 0.03 2.71
N GLU A 45 -17.12 -1.00 2.26
CA GLU A 45 -15.71 -1.16 2.65
C GLU A 45 -14.70 -1.52 1.54
N ILE A 46 -15.05 -1.29 0.28
CA ILE A 46 -14.08 -1.38 -0.81
C ILE A 46 -14.00 -0.04 -1.48
N MET A 47 -15.17 0.46 -1.85
CA MET A 47 -15.30 1.73 -2.53
C MET A 47 -14.82 2.84 -1.63
N SER A 48 -14.10 3.78 -2.24
CA SER A 48 -13.48 4.87 -1.52
C SER A 48 -13.22 5.98 -2.51
N VAL A 49 -13.22 7.20 -2.01
CA VAL A 49 -12.94 8.37 -2.83
C VAL A 49 -12.30 9.48 -1.99
N ASN A 50 -11.04 9.80 -2.31
CA ASN A 50 -10.31 10.83 -1.57
C ASN A 50 -9.81 11.90 -2.53
N ASN A 51 -10.15 13.15 -2.28
CA ASN A 51 -9.73 14.20 -3.19
C ASN A 51 -8.53 15.01 -2.71
N GLU A 52 -7.67 15.40 -3.63
CA GLU A 52 -6.59 16.34 -3.35
C GLU A 52 -5.77 16.00 -2.11
N ILE A 53 -5.29 14.77 -2.00
CA ILE A 53 -4.50 14.35 -0.85
C ILE A 53 -3.02 14.18 -1.25
N GLY A 54 -2.69 14.62 -2.47
CA GLY A 54 -1.34 14.55 -3.00
C GLY A 54 -0.57 13.28 -2.60
N TRP A 55 0.66 13.47 -2.14
CA TRP A 55 1.45 12.36 -1.67
C TRP A 55 1.41 12.27 -0.17
N ALA A 56 0.72 13.24 0.43
CA ALA A 56 0.77 13.51 1.87
C ALA A 56 0.85 12.27 2.73
N ASP A 57 1.94 12.16 3.46
CA ASP A 57 2.22 11.08 4.43
C ASP A 57 2.97 9.88 3.82
N VAL A 58 3.04 9.83 2.49
CA VAL A 58 3.92 8.91 1.79
C VAL A 58 5.27 9.59 1.70
N ALA A 59 6.22 9.11 2.50
CA ALA A 59 7.56 9.69 2.57
C ALA A 59 8.50 9.08 1.54
N GLY A 60 9.24 9.96 0.87
CA GLY A 60 10.26 9.51 -0.06
C GLY A 60 9.70 8.86 -1.31
N LEU A 61 10.27 7.71 -1.67
CA LEU A 61 9.94 7.01 -2.91
C LEU A 61 9.86 7.93 -4.16
N GLU A 62 10.84 8.79 -4.34
CA GLU A 62 10.79 9.69 -5.47
C GLU A 62 10.71 8.99 -6.83
N GLY A 63 11.55 7.96 -7.00
CA GLY A 63 11.51 7.13 -8.20
C GLY A 63 10.12 6.66 -8.55
N ALA A 64 9.51 5.88 -7.67
CA ALA A 64 8.17 5.35 -7.88
C ALA A 64 7.14 6.46 -8.01
N LYS A 65 7.24 7.48 -7.19
CA LYS A 65 6.35 8.61 -7.32
C LYS A 65 6.37 9.14 -8.76
N LYS A 66 7.56 9.29 -9.35
CA LYS A 66 7.67 9.82 -10.71
C LYS A 66 7.00 8.93 -11.71
N ALA A 67 7.16 7.64 -11.50
CA ALA A 67 6.77 6.63 -12.46
C ALA A 67 5.26 6.52 -12.50
N LEU A 68 4.68 6.37 -11.32
CA LEU A 68 3.23 6.28 -11.23
C LEU A 68 2.55 7.48 -11.88
N ARG A 69 3.20 8.64 -11.80
CA ARG A 69 2.68 9.88 -12.33
C ARG A 69 2.71 9.83 -13.86
N GLU A 70 3.81 9.32 -14.37
CA GLU A 70 4.01 9.15 -15.79
C GLU A 70 3.09 8.05 -16.36
N ILE A 71 3.00 6.94 -15.66
CA ILE A 71 2.32 5.81 -16.24
C ILE A 71 0.86 5.76 -15.88
N VAL A 72 0.45 6.46 -14.83
CA VAL A 72 -0.96 6.35 -14.52
C VAL A 72 -1.69 7.66 -14.38
N VAL A 73 -1.12 8.60 -13.64
CA VAL A 73 -1.80 9.88 -13.44
C VAL A 73 -1.94 10.69 -14.73
N LEU A 74 -0.83 11.06 -15.34
CA LEU A 74 -0.84 11.72 -16.66
C LEU A 74 -1.82 11.06 -17.61
N PRO A 75 -1.69 9.75 -17.81
CA PRO A 75 -2.66 9.09 -18.69
C PRO A 75 -4.14 9.27 -18.29
N PHE A 76 -4.47 9.33 -17.01
CA PHE A 76 -5.86 9.51 -16.61
C PHE A 76 -6.33 10.95 -16.77
N LYS A 77 -5.36 11.87 -16.79
CA LYS A 77 -5.66 13.28 -16.93
C LYS A 77 -5.87 13.65 -18.41
N ARG A 78 -5.13 12.99 -19.28
CA ARG A 78 -5.14 13.31 -20.70
C ARG A 78 -5.21 12.07 -21.60
N PRO A 79 -6.33 11.34 -21.55
CA PRO A 79 -6.53 10.18 -22.43
C PRO A 79 -6.55 10.54 -23.92
N ASP A 80 -6.61 11.84 -24.22
CA ASP A 80 -6.56 12.30 -25.61
C ASP A 80 -5.14 12.24 -26.11
N VAL A 81 -4.19 12.32 -25.18
CA VAL A 81 -2.79 12.39 -25.54
C VAL A 81 -2.18 11.00 -25.51
N PHE A 82 -2.56 10.24 -24.48
CA PHE A 82 -2.04 8.89 -24.24
C PHE A 82 -2.93 7.82 -24.87
N THR A 83 -2.85 7.75 -26.20
CA THR A 83 -3.46 6.67 -26.99
C THR A 83 -2.40 6.16 -27.94
N GLY A 84 -2.76 5.22 -28.80
CA GLY A 84 -1.82 4.63 -29.73
C GLY A 84 -0.63 4.07 -28.99
N ILE A 85 0.58 4.44 -29.43
CA ILE A 85 1.80 4.01 -28.75
C ILE A 85 1.97 4.63 -27.37
N ARG A 86 1.09 5.56 -27.03
CA ARG A 86 1.23 6.26 -25.77
C ARG A 86 0.21 5.84 -24.75
N ALA A 87 -0.54 4.79 -25.08
CA ALA A 87 -1.42 4.14 -24.12
C ALA A 87 -0.67 3.70 -22.86
N PRO A 88 -1.29 3.86 -21.67
CA PRO A 88 -0.77 3.37 -20.40
C PRO A 88 -0.96 1.86 -20.26
N PRO A 89 -0.15 1.22 -19.41
CA PRO A 89 -0.40 -0.19 -19.12
C PRO A 89 -1.73 -0.29 -18.38
N LYS A 90 -2.41 -1.43 -18.50
CA LYS A 90 -3.65 -1.63 -17.76
C LYS A 90 -3.36 -2.25 -16.39
N GLY A 91 -2.14 -2.74 -16.21
CA GLY A 91 -1.79 -3.43 -15.00
C GLY A 91 -0.41 -3.04 -14.51
N VAL A 92 -0.38 -2.50 -13.29
CA VAL A 92 0.88 -2.19 -12.64
C VAL A 92 1.00 -2.98 -11.35
N LEU A 93 2.18 -3.49 -11.11
CA LEU A 93 2.45 -4.33 -9.95
C LEU A 93 3.44 -3.62 -9.03
N LEU A 94 3.04 -3.38 -7.79
CA LEU A 94 3.93 -2.82 -6.80
C LEU A 94 4.40 -3.97 -5.94
N PHE A 95 5.68 -4.00 -5.63
CA PHE A 95 6.23 -5.13 -4.90
C PHE A 95 7.39 -4.64 -4.08
N GLY A 96 7.65 -5.33 -2.98
CA GLY A 96 8.75 -4.99 -2.11
C GLY A 96 8.51 -5.61 -0.76
N PRO A 97 9.34 -5.27 0.23
CA PRO A 97 9.14 -5.77 1.58
C PRO A 97 7.83 -5.23 2.14
N PRO A 98 7.29 -5.90 3.18
CA PRO A 98 6.04 -5.42 3.78
C PRO A 98 6.25 -4.10 4.51
N GLY A 99 5.17 -3.40 4.79
CA GLY A 99 5.21 -2.17 5.55
C GLY A 99 5.97 -1.03 4.91
N THR A 100 5.89 -0.92 3.58
CA THR A 100 6.49 0.20 2.86
C THR A 100 5.46 1.15 2.27
N GLY A 101 4.23 1.10 2.77
CA GLY A 101 3.21 2.07 2.40
C GLY A 101 2.57 1.84 1.04
N LYS A 102 2.67 0.61 0.52
CA LYS A 102 2.21 0.27 -0.82
C LYS A 102 0.73 0.56 -0.99
N THR A 103 -0.06 0.12 -0.03
CA THR A 103 -1.47 0.39 -0.07
C THR A 103 -1.85 1.91 -0.09
N MET A 104 -1.06 2.74 0.57
CA MET A 104 -1.35 4.17 0.57
C MET A 104 -0.88 4.83 -0.71
N ILE A 105 0.25 4.36 -1.21
CA ILE A 105 0.72 4.80 -2.51
C ILE A 105 -0.41 4.70 -3.53
N GLY A 106 -1.10 3.56 -3.53
CA GLY A 106 -2.28 3.37 -4.36
C GLY A 106 -3.38 4.38 -4.09
N ARG A 107 -3.59 4.70 -2.82
CA ARG A 107 -4.63 5.66 -2.49
C ARG A 107 -4.28 7.04 -3.00
N CYS A 108 -2.99 7.40 -2.95
CA CYS A 108 -2.58 8.70 -3.48
C CYS A 108 -2.66 8.79 -4.99
N VAL A 109 -2.09 7.79 -5.65
CA VAL A 109 -2.24 7.62 -7.09
C VAL A 109 -3.70 7.81 -7.52
N ALA A 110 -4.62 7.09 -6.88
CA ALA A 110 -6.05 7.28 -7.16
C ALA A 110 -6.51 8.73 -6.93
N SER A 111 -6.13 9.31 -5.80
CA SER A 111 -6.47 10.70 -5.51
C SER A 111 -5.96 11.74 -6.51
N GLN A 112 -4.82 11.48 -7.14
CA GLN A 112 -4.33 12.46 -8.09
C GLN A 112 -4.94 12.34 -9.47
N CYS A 113 -5.54 11.20 -9.80
CA CYS A 113 -6.27 11.08 -11.06
C CYS A 113 -7.72 11.41 -10.84
N LYS A 114 -8.06 11.97 -9.68
CA LYS A 114 -9.47 12.12 -9.32
C LYS A 114 -10.27 10.84 -9.64
N ALA A 115 -9.74 9.69 -9.23
CA ALA A 115 -10.39 8.42 -9.53
C ALA A 115 -11.06 7.76 -8.33
N THR A 116 -12.07 6.96 -8.61
CA THR A 116 -12.73 6.13 -7.62
C THR A 116 -11.76 5.04 -7.17
N PHE A 117 -11.61 4.87 -5.87
CA PHE A 117 -10.62 3.92 -5.35
C PHE A 117 -11.30 2.66 -4.84
N PHE A 118 -10.71 1.53 -5.18
CA PHE A 118 -11.22 0.25 -4.77
C PHE A 118 -10.08 -0.52 -4.11
N ASN A 119 -10.13 -0.67 -2.79
CA ASN A 119 -9.09 -1.39 -2.07
C ASN A 119 -9.61 -2.75 -1.68
N ILE A 120 -8.83 -3.79 -1.92
CA ILE A 120 -9.24 -5.15 -1.58
C ILE A 120 -8.06 -6.09 -1.47
N SER A 121 -8.08 -6.92 -0.43
CA SER A 121 -7.05 -7.91 -0.19
C SER A 121 -7.45 -9.27 -0.79
N ALA A 122 -6.45 -10.00 -1.30
CA ALA A 122 -6.66 -11.32 -1.88
C ALA A 122 -6.89 -12.37 -0.82
N SER A 123 -6.66 -11.98 0.43
CA SER A 123 -6.81 -12.90 1.53
C SER A 123 -8.24 -12.72 1.98
N SER A 124 -8.70 -11.48 1.98
CA SER A 124 -10.10 -11.22 2.25
C SER A 124 -10.94 -11.99 1.23
N LEU A 125 -10.37 -12.28 0.07
CA LEU A 125 -11.13 -12.99 -0.97
C LEU A 125 -11.04 -14.49 -0.83
N THR A 126 -9.83 -14.98 -0.61
CA THR A 126 -9.61 -16.41 -0.52
C THR A 126 -9.88 -16.98 0.89
N SER A 127 -10.35 -16.14 1.81
CA SER A 127 -10.78 -16.64 3.12
C SER A 127 -12.06 -15.92 3.62
N LYS A 128 -11.93 -14.69 4.10
CA LYS A 128 -13.06 -13.97 4.70
C LYS A 128 -14.35 -13.99 3.85
N TRP A 129 -14.20 -14.12 2.53
CA TRP A 129 -15.32 -13.95 1.61
C TRP A 129 -15.33 -14.98 0.50
N VAL A 130 -15.44 -16.26 0.83
CA VAL A 130 -15.36 -17.28 -0.20
C VAL A 130 -16.74 -17.74 -0.70
N GLY A 131 -16.74 -18.45 -1.83
CA GLY A 131 -17.99 -18.76 -2.52
C GLY A 131 -18.59 -17.48 -3.06
N GLU A 132 -19.01 -16.60 -2.14
CA GLU A 132 -19.47 -15.25 -2.47
C GLU A 132 -18.41 -14.45 -3.27
N GLY A 133 -17.15 -14.85 -3.13
CA GLY A 133 -16.02 -14.16 -3.72
C GLY A 133 -16.07 -14.02 -5.22
N GLU A 134 -16.30 -15.12 -5.92
CA GLU A 134 -16.31 -15.10 -7.39
C GLU A 134 -17.38 -14.14 -7.92
N LYS A 135 -18.49 -14.05 -7.21
CA LYS A 135 -19.60 -13.19 -7.59
C LYS A 135 -19.22 -11.74 -7.32
N LEU A 136 -18.24 -11.58 -6.44
CA LEU A 136 -17.80 -10.27 -5.97
C LEU A 136 -16.68 -9.74 -6.84
N VAL A 137 -15.78 -10.61 -7.27
CA VAL A 137 -14.75 -10.25 -8.22
C VAL A 137 -15.37 -9.73 -9.50
N ARG A 138 -16.53 -10.29 -9.86
CA ARG A 138 -17.29 -9.84 -11.01
C ARG A 138 -17.90 -8.46 -10.78
N ALA A 139 -18.57 -8.31 -9.65
CA ALA A 139 -19.29 -7.09 -9.30
C ALA A 139 -18.33 -5.93 -9.07
N LEU A 140 -17.15 -6.26 -8.57
CA LEU A 140 -16.09 -5.30 -8.39
C LEU A 140 -15.72 -4.63 -9.73
N PHE A 141 -15.41 -5.43 -10.75
CA PHE A 141 -15.03 -4.87 -12.03
C PHE A 141 -16.20 -4.17 -12.70
N SER A 142 -17.42 -4.57 -12.36
CA SER A 142 -18.59 -3.89 -12.89
C SER A 142 -18.74 -2.52 -12.25
N VAL A 143 -18.65 -2.46 -10.93
CA VAL A 143 -18.74 -1.17 -10.27
C VAL A 143 -17.61 -0.27 -10.74
N ALA A 144 -16.38 -0.65 -10.45
CA ALA A 144 -15.23 0.04 -11.00
C ALA A 144 -15.54 0.51 -12.42
N ARG A 145 -15.94 -0.44 -13.26
CA ARG A 145 -16.18 -0.19 -14.69
C ARG A 145 -17.10 1.00 -14.97
N LEU A 146 -17.98 1.33 -14.02
CA LEU A 146 -18.84 2.49 -14.20
C LEU A 146 -18.67 3.58 -13.15
N LYS A 147 -17.47 3.66 -12.55
CA LYS A 147 -17.15 4.78 -11.69
C LYS A 147 -15.93 5.47 -12.28
N LEU A 148 -15.59 5.04 -13.49
CA LEU A 148 -14.47 5.59 -14.26
C LEU A 148 -14.31 7.11 -14.11
N PRO A 149 -13.05 7.57 -13.92
CA PRO A 149 -11.86 6.72 -13.83
C PRO A 149 -11.83 5.95 -12.52
N SER A 150 -11.42 4.70 -12.58
CA SER A 150 -11.41 3.86 -11.40
C SER A 150 -10.08 3.18 -11.26
N VAL A 151 -9.68 3.00 -10.02
CA VAL A 151 -8.43 2.31 -9.73
C VAL A 151 -8.75 1.16 -8.79
N ILE A 152 -8.38 -0.04 -9.21
CA ILE A 152 -8.61 -1.23 -8.41
C ILE A 152 -7.31 -1.69 -7.76
N PHE A 153 -7.29 -1.63 -6.43
CA PHE A 153 -6.11 -2.01 -5.67
C PHE A 153 -6.28 -3.39 -5.06
N ILE A 154 -5.45 -4.35 -5.50
CA ILE A 154 -5.51 -5.68 -4.92
C ILE A 154 -4.25 -5.94 -4.15
N ASP A 155 -4.40 -6.05 -2.83
CA ASP A 155 -3.29 -6.26 -1.93
C ASP A 155 -3.04 -7.76 -1.84
N GLU A 156 -1.77 -8.14 -1.71
CA GLU A 156 -1.35 -9.54 -1.66
C GLU A 156 -1.88 -10.32 -2.84
N ILE A 157 -1.55 -9.87 -4.04
CA ILE A 157 -2.15 -10.42 -5.25
C ILE A 157 -1.52 -11.75 -5.68
N ASP A 158 -0.36 -12.04 -5.11
CA ASP A 158 0.40 -13.24 -5.43
C ASP A 158 -0.32 -14.50 -4.97
N SER A 159 -1.19 -14.34 -3.97
CA SER A 159 -2.00 -15.46 -3.52
C SER A 159 -3.08 -15.74 -4.56
N LEU A 160 -3.65 -14.67 -5.07
CA LEU A 160 -4.71 -14.74 -6.05
C LEU A 160 -4.26 -15.34 -7.39
N LEU A 161 -2.96 -15.29 -7.65
CA LEU A 161 -2.42 -15.64 -8.96
C LEU A 161 -1.41 -16.77 -8.90
N SER A 162 -1.63 -17.71 -7.99
CA SER A 162 -0.70 -18.81 -7.78
C SER A 162 -1.24 -20.11 -8.37
N GLU A 170 -11.15 -26.85 -4.32
CA GLU A 170 -11.04 -25.58 -3.59
C GLU A 170 -11.82 -24.47 -4.29
N SER A 171 -12.49 -23.64 -3.48
CA SER A 171 -13.20 -22.47 -3.97
C SER A 171 -12.18 -21.40 -4.33
N SER A 172 -10.96 -21.54 -3.82
CA SER A 172 -9.87 -20.64 -4.14
C SER A 172 -9.67 -20.55 -5.65
N ARG A 173 -9.57 -21.70 -6.32
CA ARG A 173 -9.40 -21.77 -7.77
C ARG A 173 -10.58 -21.20 -8.54
N ARG A 174 -11.80 -21.51 -8.09
CA ARG A 174 -12.99 -20.92 -8.69
C ARG A 174 -12.88 -19.40 -8.76
N ILE A 175 -12.53 -18.78 -7.62
CA ILE A 175 -12.31 -17.33 -7.56
C ILE A 175 -11.09 -16.90 -8.41
N LYS A 176 -9.95 -17.53 -8.15
CA LYS A 176 -8.68 -17.20 -8.79
C LYS A 176 -8.80 -17.20 -10.30
N THR A 177 -9.84 -17.83 -10.79
CA THR A 177 -10.14 -17.90 -12.22
C THR A 177 -10.95 -16.71 -12.66
N GLU A 178 -12.13 -16.55 -12.06
CA GLU A 178 -12.98 -15.40 -12.31
C GLU A 178 -12.17 -14.11 -12.36
N PHE A 179 -11.11 -14.10 -11.58
CA PHE A 179 -10.25 -12.96 -11.48
C PHE A 179 -9.53 -12.67 -12.80
N LEU A 180 -8.82 -13.69 -13.30
CA LEU A 180 -8.16 -13.61 -14.60
C LEU A 180 -9.16 -13.28 -15.67
N VAL A 181 -10.34 -13.86 -15.57
CA VAL A 181 -11.38 -13.52 -16.51
C VAL A 181 -11.53 -12.01 -16.46
N GLN A 182 -11.85 -11.51 -15.28
CA GLN A 182 -12.17 -10.12 -15.08
C GLN A 182 -11.07 -9.20 -15.58
N LEU A 183 -9.85 -9.66 -15.43
CA LEU A 183 -8.72 -8.79 -15.65
C LEU A 183 -8.20 -8.84 -17.08
N ASP A 184 -8.65 -9.84 -17.84
CA ASP A 184 -8.41 -9.83 -19.29
C ASP A 184 -9.42 -8.91 -19.95
N GLY A 185 -10.66 -8.91 -19.47
CA GLY A 185 -11.65 -7.96 -19.94
C GLY A 185 -11.12 -6.53 -19.91
N VAL A 186 -10.35 -6.24 -18.87
CA VAL A 186 -9.77 -4.91 -18.72
C VAL A 186 -8.81 -4.64 -19.87
N ASN A 187 -8.21 -5.71 -20.37
CA ASN A 187 -7.33 -5.64 -21.53
C ASN A 187 -8.09 -5.98 -22.82
N THR A 188 -9.30 -5.45 -22.92
CA THR A 188 -10.23 -5.80 -23.98
C THR A 188 -11.21 -4.64 -24.15
N ALA A 189 -11.10 -3.68 -23.23
CA ALA A 189 -11.76 -2.40 -23.40
C ALA A 189 -10.64 -1.37 -23.55
N PRO A 190 -10.61 -0.68 -24.69
CA PRO A 190 -9.48 0.15 -25.10
C PRO A 190 -9.43 1.52 -24.41
N ASP A 191 -10.50 2.29 -24.56
CA ASP A 191 -10.51 3.66 -24.07
C ASP A 191 -11.14 3.76 -22.70
N GLU A 192 -10.84 2.81 -21.82
CA GLU A 192 -11.39 2.88 -20.48
C GLU A 192 -10.28 3.27 -19.51
N ARG A 193 -10.60 4.22 -18.64
CA ARG A 193 -9.63 4.70 -17.68
C ARG A 193 -9.75 3.85 -16.42
N LEU A 194 -9.42 2.59 -16.59
CA LEU A 194 -9.53 1.63 -15.53
C LEU A 194 -8.18 0.94 -15.33
N LEU A 195 -7.56 1.20 -14.19
CA LEU A 195 -6.32 0.52 -13.88
C LEU A 195 -6.48 -0.42 -12.68
N VAL A 196 -5.90 -1.60 -12.85
CA VAL A 196 -5.71 -2.53 -11.78
C VAL A 196 -4.30 -2.37 -11.21
N LEU A 197 -4.25 -2.17 -9.91
CA LEU A 197 -2.99 -1.92 -9.24
C LEU A 197 -2.83 -3.02 -8.22
N GLY A 198 -1.81 -3.86 -8.40
CA GLY A 198 -1.62 -5.01 -7.55
C GLY A 198 -0.37 -4.83 -6.73
N ALA A 199 -0.39 -5.35 -5.51
CA ALA A 199 0.74 -5.22 -4.60
C ALA A 199 1.14 -6.58 -4.05
N THR A 200 2.42 -6.74 -3.77
CA THR A 200 2.94 -8.05 -3.35
C THR A 200 4.26 -7.96 -2.55
N ASN A 201 4.37 -8.76 -1.50
CA ASN A 201 5.61 -8.78 -0.73
C ASN A 201 6.45 -9.94 -1.22
N ARG A 202 5.80 -10.81 -1.98
CA ARG A 202 6.42 -12.02 -2.50
C ARG A 202 6.26 -12.10 -4.01
N PRO A 203 7.04 -11.30 -4.74
CA PRO A 203 6.89 -11.26 -6.20
C PRO A 203 7.52 -12.51 -6.81
N GLN A 204 8.61 -12.96 -6.21
CA GLN A 204 9.33 -14.17 -6.56
C GLN A 204 8.45 -15.41 -6.31
N GLU A 205 7.25 -15.41 -6.89
CA GLU A 205 6.14 -16.20 -6.42
C GLU A 205 5.08 -16.06 -7.49
N LEU A 206 5.47 -15.33 -8.53
CA LEU A 206 4.63 -15.07 -9.68
C LEU A 206 5.29 -15.63 -10.95
N ASP A 207 4.55 -16.48 -11.66
CA ASP A 207 5.03 -17.12 -12.89
C ASP A 207 4.84 -16.25 -14.15
N GLU A 208 5.52 -16.62 -15.24
CA GLU A 208 5.53 -15.86 -16.48
C GLU A 208 4.15 -15.32 -16.89
N ALA A 209 3.13 -16.19 -16.85
CA ALA A 209 1.77 -15.80 -17.24
C ALA A 209 1.20 -14.77 -16.29
N ALA A 210 1.57 -14.90 -15.01
CA ALA A 210 1.22 -13.93 -13.97
C ALA A 210 1.87 -12.56 -14.20
N ARG A 211 3.19 -12.50 -14.13
CA ARG A 211 3.96 -11.29 -14.42
C ARG A 211 3.55 -10.65 -15.75
N ARG A 212 3.01 -11.47 -16.64
CA ARG A 212 2.64 -10.99 -17.96
C ARG A 212 1.45 -10.07 -17.84
N ARG A 213 0.63 -10.26 -16.82
CA ARG A 213 -0.49 -9.36 -16.67
C ARG A 213 -0.03 -8.00 -16.18
N PHE A 214 1.28 -7.85 -15.95
CA PHE A 214 1.81 -6.57 -15.48
C PHE A 214 2.86 -5.87 -16.34
N GLN A 215 2.38 -4.94 -17.16
CA GLN A 215 3.28 -4.26 -18.07
C GLN A 215 4.36 -3.59 -17.24
N LYS A 216 3.95 -2.96 -16.16
CA LYS A 216 4.92 -2.29 -15.30
C LYS A 216 4.99 -2.94 -13.91
N ARG A 217 6.20 -2.95 -13.34
CA ARG A 217 6.45 -3.61 -12.08
C ARG A 217 7.37 -2.76 -11.21
N LEU A 218 6.78 -2.13 -10.19
CA LEU A 218 7.51 -1.15 -9.36
C LEU A 218 7.94 -1.68 -8.02
N TYR A 219 9.22 -1.51 -7.76
CA TYR A 219 9.83 -1.87 -6.49
C TYR A 219 9.65 -0.76 -5.50
N ILE A 220 8.87 -1.04 -4.46
CA ILE A 220 8.68 -0.11 -3.35
C ILE A 220 9.53 -0.57 -2.18
N ALA A 221 10.67 0.09 -1.99
CA ALA A 221 11.63 -0.37 -0.99
C ALA A 221 11.64 0.44 0.34
N LEU A 222 12.32 -0.15 1.33
CA LEU A 222 12.39 0.40 2.69
C LEU A 222 12.78 1.87 2.73
N PRO A 223 12.21 2.61 3.68
CA PRO A 223 12.47 4.05 3.81
C PRO A 223 13.95 4.40 3.77
N GLU A 224 14.28 5.40 2.97
CA GLU A 224 15.59 6.03 3.07
C GLU A 224 15.79 6.56 4.48
N PRO A 225 17.04 6.71 4.93
CA PRO A 225 17.37 7.34 6.20
C PRO A 225 16.55 8.61 6.48
N GLU A 226 16.49 9.50 5.51
CA GLU A 226 15.78 10.74 5.71
C GLU A 226 14.28 10.49 5.77
N SER A 227 13.83 9.47 5.05
CA SER A 227 12.42 9.12 5.04
C SER A 227 12.00 8.67 6.44
N ARG A 228 12.80 7.78 7.02
CA ARG A 228 12.53 7.26 8.35
C ARG A 228 12.22 8.33 9.39
N THR A 229 12.96 9.42 9.35
CA THR A 229 12.79 10.44 10.36
C THR A 229 11.57 11.33 10.10
N GLN A 230 11.16 11.42 8.84
CA GLN A 230 9.95 12.16 8.53
C GLN A 230 8.75 11.42 9.13
N ILE A 231 8.72 10.11 8.89
CA ILE A 231 7.77 9.20 9.55
C ILE A 231 7.73 9.43 11.06
N VAL A 232 8.88 9.31 11.70
CA VAL A 232 8.94 9.52 13.13
C VAL A 232 8.29 10.84 13.51
N GLN A 233 8.60 11.89 12.77
CA GLN A 233 8.03 13.20 13.10
C GLN A 233 6.50 13.20 12.98
N ASN A 234 5.98 12.54 11.95
CA ASN A 234 4.54 12.43 11.83
C ASN A 234 3.95 11.73 13.04
N LEU A 235 4.57 10.60 13.42
CA LEU A 235 4.09 9.74 14.49
C LEU A 235 4.16 10.40 15.87
N LEU A 236 5.09 11.33 16.05
CA LEU A 236 5.23 12.01 17.33
C LEU A 236 4.32 13.20 17.53
N VAL A 237 3.80 13.77 16.45
CA VAL A 237 2.83 14.87 16.57
C VAL A 237 1.69 14.50 17.52
N GLY A 238 1.45 15.36 18.52
CA GLY A 238 0.48 15.06 19.56
C GLY A 238 1.03 14.27 20.73
N THR A 239 2.29 13.84 20.66
CA THR A 239 2.91 13.16 21.80
C THR A 239 4.00 14.01 22.44
N ARG A 240 3.94 14.18 23.75
CA ARG A 240 4.97 14.98 24.40
C ARG A 240 6.37 14.35 24.28
N HIS A 241 7.26 15.05 23.59
CA HIS A 241 8.63 14.58 23.35
C HIS A 241 9.66 15.72 23.26
N ASP A 242 10.92 15.37 23.50
CA ASP A 242 12.06 16.29 23.34
C ASP A 242 12.96 15.84 22.21
N ILE A 243 12.41 15.35 21.12
CA ILE A 243 13.28 14.95 20.03
C ILE A 243 13.80 16.18 19.27
N THR A 244 15.13 16.31 19.23
CA THR A 244 15.83 17.37 18.51
C THR A 244 16.30 16.86 17.16
N ASN A 245 16.61 17.77 16.25
CA ASN A 245 17.19 17.35 14.97
C ASN A 245 18.47 16.55 15.19
N HIS A 246 19.28 16.98 16.16
CA HIS A 246 20.48 16.22 16.42
C HIS A 246 20.14 14.79 16.85
N ASN A 247 19.00 14.63 17.51
CA ASN A 247 18.50 13.33 17.93
C ASN A 247 17.98 12.47 16.80
N LEU A 248 17.18 13.12 15.94
CA LEU A 248 16.67 12.54 14.71
C LEU A 248 17.81 11.79 14.04
N GLU A 249 18.98 12.44 14.03
CA GLU A 249 20.15 11.88 13.39
C GLU A 249 20.63 10.61 14.06
N ARG A 250 20.50 10.53 15.37
CA ARG A 250 20.92 9.33 16.07
C ARG A 250 19.95 8.21 15.74
N ILE A 251 18.69 8.57 15.67
CA ILE A 251 17.65 7.58 15.41
C ILE A 251 17.88 7.02 14.01
N ARG A 252 18.00 7.93 13.05
CA ARG A 252 18.32 7.56 11.71
C ARG A 252 19.48 6.57 11.73
N GLU A 253 20.47 6.85 12.56
CA GLU A 253 21.65 6.01 12.66
C GLU A 253 21.37 4.57 13.03
N LEU A 254 20.45 4.35 13.97
CA LEU A 254 20.23 2.96 14.37
C LEU A 254 18.95 2.32 13.85
N THR A 255 18.28 2.99 12.93
CA THR A 255 17.15 2.39 12.24
C THR A 255 17.49 2.02 10.82
N ASP A 256 18.54 1.23 10.66
CA ASP A 256 18.92 0.74 9.35
C ASP A 256 18.15 -0.54 9.09
N GLY A 257 17.41 -0.57 7.98
CA GLY A 257 16.74 -1.79 7.54
C GLY A 257 15.27 -1.81 7.92
N TYR A 258 14.83 -0.71 8.52
CA TYR A 258 13.48 -0.53 9.03
C TYR A 258 12.48 -0.12 7.93
N SER A 259 11.32 -0.77 7.94
CA SER A 259 10.19 -0.37 7.12
C SER A 259 9.46 0.75 7.84
N GLY A 260 8.46 1.32 7.20
CA GLY A 260 7.75 2.42 7.82
C GLY A 260 6.81 1.90 8.87
N ALA A 261 6.56 0.59 8.79
CA ALA A 261 5.70 -0.11 9.73
C ALA A 261 6.47 -0.41 11.01
N ASP A 262 7.73 -0.80 10.84
CA ASP A 262 8.67 -0.93 11.95
C ASP A 262 8.83 0.42 12.66
N MET A 263 9.04 1.48 11.88
CA MET A 263 9.17 2.82 12.45
C MET A 263 7.99 3.13 13.34
N ARG A 264 6.80 2.74 12.89
CA ARG A 264 5.63 2.95 13.72
C ARG A 264 5.68 2.12 14.99
N GLN A 265 6.09 0.87 14.86
CA GLN A 265 6.28 0.02 16.02
C GLN A 265 7.26 0.65 17.01
N LEU A 266 8.39 1.07 16.47
CA LEU A 266 9.41 1.82 17.19
C LEU A 266 8.84 2.95 18.04
N CYS A 267 8.04 3.80 17.41
CA CYS A 267 7.48 4.95 18.09
C CYS A 267 6.54 4.56 19.22
N THR A 268 5.70 3.57 18.99
CA THR A 268 4.80 3.12 20.03
C THR A 268 5.63 2.66 21.21
N GLU A 269 6.63 1.84 20.93
CA GLU A 269 7.44 1.26 22.00
C GLU A 269 8.17 2.36 22.74
N ALA A 270 8.84 3.23 21.97
CA ALA A 270 9.51 4.39 22.55
C ALA A 270 8.55 5.20 23.44
N ALA A 271 7.29 5.29 23.05
CA ALA A 271 6.34 6.11 23.79
C ALA A 271 5.96 5.44 25.10
N MET A 272 6.36 4.19 25.26
CA MET A 272 6.03 3.43 26.45
C MET A 272 6.96 3.76 27.59
N GLY A 273 8.13 4.29 27.25
CA GLY A 273 9.10 4.72 28.23
C GLY A 273 8.49 5.59 29.32
N PRO A 274 7.86 6.71 28.94
CA PRO A 274 7.26 7.53 30.00
C PRO A 274 6.23 6.73 30.78
N ILE A 275 5.43 5.96 30.06
CA ILE A 275 4.31 5.26 30.65
C ILE A 275 4.78 4.31 31.74
N ARG A 276 5.96 3.73 31.54
CA ARG A 276 6.47 2.70 32.44
C ARG A 276 7.21 3.28 33.64
N ASP A 277 7.46 4.57 33.61
CA ASP A 277 8.19 5.24 34.67
C ASP A 277 7.25 5.53 35.85
N ILE A 278 5.94 5.37 35.61
CA ILE A 278 4.92 5.77 36.56
C ILE A 278 4.65 4.71 37.61
N GLY A 279 3.92 3.66 37.23
CA GLY A 279 3.48 2.68 38.18
C GLY A 279 2.04 2.92 38.59
N ASP A 280 1.82 3.16 39.88
CA ASP A 280 0.47 3.19 40.43
C ASP A 280 -0.25 4.55 40.32
N ASP A 281 0.54 5.62 40.15
CA ASP A 281 -0.03 6.94 39.93
C ASP A 281 -0.70 6.89 38.57
N ILE A 282 -0.43 5.83 37.83
CA ILE A 282 -0.87 5.77 36.45
C ILE A 282 -2.34 6.11 36.34
N GLU A 283 -3.13 5.59 37.28
CA GLU A 283 -4.56 5.77 37.16
C GLU A 283 -5.02 7.13 37.63
N THR A 284 -4.15 7.85 38.33
CA THR A 284 -4.52 9.14 38.86
C THR A 284 -3.79 10.32 38.19
N ILE A 285 -2.58 10.08 37.71
CA ILE A 285 -1.76 11.12 37.09
C ILE A 285 -2.42 11.93 35.97
N ASP A 286 -2.10 13.21 35.92
CA ASP A 286 -2.49 14.12 34.85
C ASP A 286 -1.72 13.75 33.59
N LYS A 287 -2.42 13.58 32.46
CA LYS A 287 -1.72 13.21 31.23
C LYS A 287 -0.65 14.21 30.86
N ASP A 288 -0.78 15.43 31.33
CA ASP A 288 0.20 16.47 31.00
C ASP A 288 1.46 16.34 31.85
N ASP A 289 1.34 15.59 32.94
CA ASP A 289 2.47 15.41 33.82
C ASP A 289 3.31 14.24 33.32
N ILE A 290 2.86 13.59 32.25
CA ILE A 290 3.62 12.47 31.72
C ILE A 290 4.90 12.93 31.05
N ARG A 291 5.98 12.29 31.47
CA ARG A 291 7.32 12.58 31.04
C ARG A 291 7.38 12.65 29.52
N ALA A 292 8.09 13.63 29.00
CA ALA A 292 8.30 13.73 27.55
C ALA A 292 9.07 12.52 27.03
N VAL A 293 8.77 12.10 25.79
CA VAL A 293 9.53 11.05 25.10
C VAL A 293 10.89 11.64 24.69
N THR A 294 11.94 10.85 24.88
CA THR A 294 13.31 11.29 24.64
C THR A 294 14.08 10.28 23.75
N VAL A 295 15.31 10.64 23.39
CA VAL A 295 16.13 9.77 22.55
C VAL A 295 16.46 8.42 23.14
N MET A 296 16.52 8.31 24.47
CA MET A 296 16.90 7.03 25.04
C MET A 296 15.74 6.08 24.87
N ASP A 297 14.54 6.64 25.06
CA ASP A 297 13.31 5.94 24.77
C ASP A 297 13.43 5.20 23.43
N PHE A 298 13.90 5.92 22.41
CA PHE A 298 14.12 5.29 21.12
C PHE A 298 15.26 4.27 21.13
N ALA A 299 16.37 4.62 21.79
CA ALA A 299 17.55 3.76 21.84
C ALA A 299 17.23 2.42 22.45
N GLU A 300 16.48 2.46 23.54
CA GLU A 300 15.99 1.26 24.19
C GLU A 300 14.95 0.60 23.31
N ALA A 301 13.95 1.37 22.88
CA ALA A 301 12.92 0.85 21.96
C ALA A 301 13.53 0.05 20.82
N ALA A 302 14.57 0.62 20.19
CA ALA A 302 15.26 -0.06 19.08
C ALA A 302 15.74 -1.46 19.45
N ARG A 303 16.17 -1.65 20.70
CA ARG A 303 16.59 -2.97 21.16
C ARG A 303 15.45 -4.01 21.13
N VAL A 304 14.23 -3.57 21.43
CA VAL A 304 13.06 -4.46 21.40
C VAL A 304 12.48 -4.66 19.99
N VAL A 305 12.26 -3.54 19.30
CA VAL A 305 11.64 -3.54 17.99
C VAL A 305 12.72 -3.62 16.91
N ARG A 306 12.80 -4.78 16.26
CA ARG A 306 13.82 -5.01 15.25
C ARG A 306 13.21 -5.15 13.84
N PRO A 307 14.01 -4.88 12.79
CA PRO A 307 13.55 -4.95 11.40
C PRO A 307 12.88 -6.27 11.07
N THR A 308 11.84 -6.21 10.25
CA THR A 308 11.08 -7.39 9.88
C THR A 308 11.61 -8.04 8.59
N VAL A 309 12.58 -7.41 7.95
CA VAL A 309 13.10 -7.93 6.68
C VAL A 309 14.56 -8.38 6.77
N ASP A 310 14.78 -9.68 6.54
CA ASP A 310 16.13 -10.28 6.56
C ASP A 310 16.96 -9.84 5.36
N ASP A 311 18.21 -9.47 5.60
CA ASP A 311 19.08 -8.96 4.54
C ASP A 311 19.08 -9.86 3.29
N SER A 312 18.97 -11.16 3.50
CA SER A 312 18.94 -12.11 2.40
C SER A 312 17.72 -11.87 1.51
N GLN A 313 16.67 -11.28 2.10
CA GLN A 313 15.46 -10.97 1.36
C GLN A 313 15.60 -9.73 0.50
N LEU A 314 16.22 -8.69 1.04
CA LEU A 314 16.47 -7.47 0.29
C LEU A 314 17.19 -7.73 -1.02
N ASP A 315 17.99 -8.80 -1.03
CA ASP A 315 18.76 -9.18 -2.22
C ASP A 315 17.82 -9.88 -3.17
N ALA A 316 17.11 -10.87 -2.63
CA ALA A 316 16.13 -11.61 -3.38
C ALA A 316 15.06 -10.71 -3.96
N TYR A 317 15.01 -9.46 -3.50
CA TYR A 317 14.12 -8.44 -4.08
C TYR A 317 14.88 -7.71 -5.18
N ALA A 318 16.07 -7.22 -4.85
CA ALA A 318 16.90 -6.49 -5.81
C ALA A 318 17.19 -7.33 -7.06
N ALA A 319 17.43 -8.63 -6.85
CA ALA A 319 17.66 -9.56 -7.94
C ALA A 319 16.42 -9.64 -8.78
N TRP A 320 15.29 -9.92 -8.13
CA TRP A 320 14.01 -9.99 -8.84
C TRP A 320 13.72 -8.69 -9.61
N ASP A 321 14.03 -7.56 -8.99
CA ASP A 321 13.77 -6.22 -9.55
C ASP A 321 14.57 -5.95 -10.82
N LYS A 322 15.89 -6.13 -10.76
CA LYS A 322 16.75 -5.83 -11.90
C LYS A 322 16.51 -6.78 -13.07
N LYS A 323 15.80 -7.87 -12.79
CA LYS A 323 15.48 -8.85 -13.80
C LYS A 323 13.99 -8.84 -14.18
N PHE A 324 13.19 -7.96 -13.59
CA PHE A 324 11.74 -7.91 -13.83
C PHE A 324 11.11 -6.54 -13.56
N GLY A 325 11.80 -5.68 -12.83
CA GLY A 325 11.28 -4.38 -12.43
C GLY A 325 11.62 -3.30 -13.43
N CYS A 326 10.88 -2.19 -13.36
CA CYS A 326 11.06 -1.04 -14.25
C CYS A 326 12.11 -0.07 -13.75
N LEU A 327 13.11 -0.65 -13.09
CA LEU A 327 14.24 0.02 -12.41
C LEU A 327 14.31 1.56 -12.45
PB ADP B . 2.52 -2.29 2.42
O1B ADP B . 1.25 -2.16 1.58
O2B ADP B . 3.84 -2.13 1.68
O3B ADP B . 2.51 -3.48 3.38
PA ADP B . 1.39 -0.23 4.19
O1A ADP B . 0.93 1.02 3.41
O2A ADP B . 0.42 -1.30 4.67
O3A ADP B . 2.58 -0.94 3.32
O5' ADP B . 2.25 0.21 5.51
C5' ADP B . 1.56 0.73 6.64
C4' ADP B . 2.53 1.40 7.60
O4' ADP B . 3.64 1.99 6.93
C3' ADP B . 1.80 2.49 8.36
O3' ADP B . 1.57 2.08 9.72
C2' ADP B . 2.72 3.71 8.31
O2' ADP B . 3.06 4.20 9.62
C1' ADP B . 3.95 3.24 7.55
N9 ADP B . 4.34 4.27 6.54
C8 ADP B . 3.96 5.57 6.47
N7 ADP B . 4.53 6.21 5.42
C5 ADP B . 5.32 5.31 4.79
C6 ADP B . 6.21 5.30 3.59
N6 ADP B . 6.40 6.40 2.84
N1 ADP B . 6.84 4.12 3.29
C2 ADP B . 6.68 3.01 4.04
N3 ADP B . 5.88 2.93 5.12
C4 ADP B . 5.19 4.03 5.53
#